data_5ULO
#
_entry.id   5ULO
#
_cell.length_a   69.709
_cell.length_b   71.575
_cell.length_c   129.899
_cell.angle_alpha   90.000
_cell.angle_beta   90.000
_cell.angle_gamma   90.000
#
_symmetry.space_group_name_H-M   'P 21 21 21'
#
loop_
_entity.id
_entity.type
_entity.pdbx_description
1 polymer '14-3-3 protein zeta/delta'
2 polymer 'TBC1 domain family member 7 peptide'
3 non-polymer 1,2-ETHANEDIOL
4 non-polymer 'UNKNOWN ATOM OR ION'
5 water water
#
loop_
_entity_poly.entity_id
_entity_poly.type
_entity_poly.pdbx_seq_one_letter_code
_entity_poly.pdbx_strand_id
1 'polypeptide(L)'
;GMDKNELVQKAKLAEQAERYDDMAACMKSVTEQGAELSNEERNLLSVAYKNVVGARRSSWRVVSSIEQKTEGAEKKQQMA
REYREKIETELRDICNDVLSLLEKFLIPNASQAESKVFYLKMKGDYYRYLAEVAAGDDKKGIVDQSQQAYQEAFEISKKE
MQPTHPIRLGLALNFSVFYYEILNSPEKACSLAKTAFDEAIAELDTLSEESYKDSTLIMQLLRDNLTLWTSDTQGDEAEA
GEGGEN
;
A,B
2 'polypeptide(L)' (ACE)ESGKLPRSP(SEP)FP(NH2) C,D
#
loop_
_chem_comp.id
_chem_comp.type
_chem_comp.name
_chem_comp.formula
ACE non-polymer 'ACETYL GROUP' 'C2 H4 O'
EDO non-polymer 1,2-ETHANEDIOL 'C2 H6 O2'
NH2 non-polymer 'AMINO GROUP' 'H2 N'
UNX non-polymer 'UNKNOWN ATOM OR ION' ?
#
# COMPACT_ATOMS: atom_id res chain seq x y z
N MET A 2 6.46 23.11 -10.19
CA MET A 2 5.20 23.54 -10.79
C MET A 2 4.59 24.71 -9.98
N ASP A 3 3.47 25.32 -10.48
CA ASP A 3 2.82 26.37 -9.67
C ASP A 3 1.92 25.66 -8.64
N LYS A 4 1.48 26.37 -7.59
CA LYS A 4 0.66 25.86 -6.48
C LYS A 4 -0.52 24.97 -6.94
N ASN A 5 -1.41 25.52 -7.79
CA ASN A 5 -2.60 24.87 -8.35
C ASN A 5 -2.28 23.55 -9.09
N GLU A 6 -1.15 23.51 -9.82
CA GLU A 6 -0.66 22.32 -10.50
C GLU A 6 -0.20 21.26 -9.48
N LEU A 7 0.53 21.71 -8.42
CA LEU A 7 1.01 20.82 -7.36
C LEU A 7 -0.16 20.24 -6.55
N VAL A 8 -1.20 21.05 -6.32
CA VAL A 8 -2.40 20.60 -5.60
C VAL A 8 -3.15 19.57 -6.45
N GLN A 9 -3.26 19.82 -7.77
CA GLN A 9 -3.88 18.88 -8.69
C GLN A 9 -3.07 17.56 -8.76
N LYS A 10 -1.74 17.65 -8.80
CA LYS A 10 -0.85 16.45 -8.81
C LYS A 10 -1.09 15.65 -7.53
N ALA A 11 -1.23 16.34 -6.36
CA ALA A 11 -1.44 15.76 -5.03
C ALA A 11 -2.75 14.94 -4.99
N LYS A 12 -3.82 15.47 -5.60
CA LYS A 12 -5.13 14.83 -5.67
C LYS A 12 -5.06 13.57 -6.56
N LEU A 13 -4.29 13.65 -7.66
CA LEU A 13 -4.04 12.53 -8.56
C LEU A 13 -3.30 11.43 -7.81
N ALA A 14 -2.16 11.78 -7.15
CA ALA A 14 -1.33 10.86 -6.34
C ALA A 14 -2.21 10.20 -5.27
N GLU A 15 -3.09 10.98 -4.63
CA GLU A 15 -4.01 10.40 -3.65
C GLU A 15 -4.86 9.28 -4.25
N GLN A 16 -5.47 9.55 -5.43
CA GLN A 16 -6.34 8.59 -6.14
C GLN A 16 -5.57 7.33 -6.53
N ALA A 17 -4.29 7.50 -6.94
CA ALA A 17 -3.33 6.47 -7.34
C ALA A 17 -2.73 5.73 -6.13
N GLU A 18 -2.99 6.22 -4.90
CA GLU A 18 -2.45 5.70 -3.62
C GLU A 18 -0.91 5.74 -3.65
N ARG A 19 -0.37 6.85 -4.20
CA ARG A 19 1.04 7.10 -4.27
C ARG A 19 1.28 8.23 -3.25
N TYR A 20 1.31 7.88 -1.99
CA TYR A 20 1.34 8.84 -0.89
C TYR A 20 2.70 9.53 -0.75
N ASP A 21 3.79 8.92 -1.23
CA ASP A 21 5.08 9.63 -1.21
C ASP A 21 4.99 10.79 -2.19
N ASP A 22 4.41 10.58 -3.38
CA ASP A 22 4.27 11.63 -4.38
C ASP A 22 3.36 12.73 -3.86
N MET A 23 2.24 12.32 -3.23
CA MET A 23 1.27 13.22 -2.65
C MET A 23 1.93 14.15 -1.61
N ALA A 24 2.71 13.56 -0.68
CA ALA A 24 3.46 14.26 0.37
C ALA A 24 4.50 15.23 -0.23
N ALA A 25 5.23 14.82 -1.30
CA ALA A 25 6.23 15.69 -1.94
C ALA A 25 5.55 16.91 -2.57
N CYS A 26 4.35 16.74 -3.16
CA CYS A 26 3.60 17.84 -3.77
C CYS A 26 3.20 18.86 -2.70
N MET A 27 2.64 18.35 -1.59
CA MET A 27 2.11 19.20 -0.53
C MET A 27 3.23 19.84 0.26
N LYS A 28 4.41 19.16 0.37
CA LYS A 28 5.59 19.71 1.04
CA LYS A 28 5.59 19.71 1.04
C LYS A 28 6.03 20.93 0.23
N SER A 29 6.09 20.81 -1.12
CA SER A 29 6.47 21.88 -2.04
C SER A 29 5.48 23.03 -1.96
N VAL A 30 4.17 22.73 -1.91
CA VAL A 30 3.11 23.75 -1.72
C VAL A 30 3.40 24.54 -0.42
N THR A 31 3.72 23.81 0.67
CA THR A 31 3.97 24.44 1.98
C THR A 31 5.23 25.31 1.97
N GLU A 32 6.28 24.87 1.25
CA GLU A 32 7.56 25.59 1.19
C GLU A 32 7.47 26.91 0.40
N GLN A 33 6.34 27.15 -0.32
CA GLN A 33 6.11 28.42 -1.03
C GLN A 33 5.82 29.55 -0.04
N GLY A 34 5.56 29.18 1.22
CA GLY A 34 5.39 30.11 2.35
C GLY A 34 4.03 30.71 2.58
N ALA A 35 3.10 30.57 1.63
CA ALA A 35 1.77 31.15 1.81
C ALA A 35 0.91 30.23 2.65
N GLU A 36 0.01 30.83 3.45
CA GLU A 36 -0.93 30.15 4.33
C GLU A 36 -1.78 29.16 3.51
N LEU A 37 -1.89 27.91 4.00
CA LEU A 37 -2.62 26.86 3.32
C LEU A 37 -4.11 27.02 3.47
N SER A 38 -4.84 26.74 2.38
CA SER A 38 -6.29 26.71 2.42
C SER A 38 -6.68 25.42 3.17
N ASN A 39 -7.97 25.28 3.55
CA ASN A 39 -8.48 24.09 4.23
C ASN A 39 -8.26 22.85 3.39
N GLU A 40 -8.48 22.95 2.06
CA GLU A 40 -8.28 21.86 1.12
C GLU A 40 -6.81 21.40 1.12
N GLU A 41 -5.86 22.34 0.98
CA GLU A 41 -4.41 22.08 0.97
C GLU A 41 -3.95 21.44 2.29
N ARG A 42 -4.42 21.98 3.43
CA ARG A 42 -4.17 21.50 4.77
C ARG A 42 -4.56 20.01 4.88
N ASN A 43 -5.77 19.64 4.40
N ASN A 43 -5.76 19.65 4.39
CA ASN A 43 -6.27 18.25 4.44
CA ASN A 43 -6.27 18.27 4.44
C ASN A 43 -5.43 17.36 3.55
C ASN A 43 -5.46 17.36 3.54
N LEU A 44 -5.01 17.86 2.37
CA LEU A 44 -4.17 17.06 1.44
C LEU A 44 -2.81 16.80 2.09
N LEU A 45 -2.22 17.80 2.77
CA LEU A 45 -0.93 17.62 3.45
C LEU A 45 -1.06 16.59 4.57
N SER A 46 -2.13 16.68 5.37
CA SER A 46 -2.38 15.81 6.51
C SER A 46 -2.60 14.34 6.11
N VAL A 47 -3.41 14.11 5.08
CA VAL A 47 -3.71 12.78 4.54
C VAL A 47 -2.43 12.16 3.97
N ALA A 48 -1.64 12.95 3.24
CA ALA A 48 -0.42 12.46 2.58
C ALA A 48 0.58 11.92 3.62
N TYR A 49 0.91 12.75 4.59
CA TYR A 49 1.86 12.34 5.60
C TYR A 49 1.27 11.30 6.56
N LYS A 50 -0.06 11.29 6.80
CA LYS A 50 -0.67 10.27 7.67
C LYS A 50 -0.34 8.87 7.08
N ASN A 51 -0.49 8.74 5.77
CA ASN A 51 -0.20 7.49 5.06
C ASN A 51 1.27 7.18 4.93
N VAL A 52 2.13 8.19 4.70
CA VAL A 52 3.59 7.99 4.61
C VAL A 52 4.14 7.47 5.98
N VAL A 53 3.82 8.18 7.08
CA VAL A 53 4.29 7.78 8.41
C VAL A 53 3.57 6.47 8.87
N GLY A 54 2.29 6.34 8.53
CA GLY A 54 1.44 5.20 8.87
C GLY A 54 2.00 3.88 8.39
N ALA A 55 2.57 3.86 7.16
CA ALA A 55 3.17 2.63 6.62
C ALA A 55 4.36 2.21 7.47
N ARG A 56 5.14 3.19 7.97
CA ARG A 56 6.32 2.93 8.80
C ARG A 56 5.95 2.49 10.20
N ARG A 57 4.89 3.11 10.78
CA ARG A 57 4.42 2.76 12.13
C ARG A 57 3.90 1.33 12.10
N SER A 58 3.15 0.96 11.02
CA SER A 58 2.62 -0.40 10.85
C SER A 58 3.75 -1.42 10.70
N SER A 59 4.76 -1.11 9.85
CA SER A 59 5.91 -1.99 9.67
C SER A 59 6.71 -2.14 10.96
N TRP A 60 6.90 -1.03 11.68
CA TRP A 60 7.63 -0.98 12.95
C TRP A 60 7.00 -1.91 13.98
N ARG A 61 5.65 -1.82 14.17
CA ARG A 61 4.89 -2.67 15.11
CA ARG A 61 4.98 -2.68 15.16
C ARG A 61 5.14 -4.16 14.83
N VAL A 62 5.06 -4.55 13.53
CA VAL A 62 5.22 -5.95 13.14
C VAL A 62 6.63 -6.46 13.46
N VAL A 63 7.66 -5.68 13.05
CA VAL A 63 9.05 -6.10 13.18
C VAL A 63 9.44 -6.10 14.67
N SER A 64 8.94 -5.12 15.48
CA SER A 64 9.17 -5.08 16.93
C SER A 64 8.60 -6.33 17.62
N SER A 65 7.37 -6.73 17.24
CA SER A 65 6.70 -7.91 17.76
C SER A 65 7.52 -9.18 17.42
N ILE A 66 8.09 -9.28 16.20
CA ILE A 66 8.94 -10.42 15.78
C ILE A 66 10.23 -10.39 16.59
N GLU A 67 10.86 -9.20 16.71
CA GLU A 67 12.08 -9.00 17.49
C GLU A 67 11.89 -9.46 18.96
N GLN A 68 10.69 -9.22 19.54
CA GLN A 68 10.36 -9.65 20.91
C GLN A 68 10.13 -11.18 20.96
N LYS A 69 9.19 -11.69 20.14
CA LYS A 69 8.84 -13.12 20.03
C LYS A 69 9.93 -13.82 19.22
N ALA A 73 16.25 -17.97 18.62
CA ALA A 73 17.02 -17.90 17.38
C ALA A 73 17.81 -16.58 17.33
N GLU A 74 19.06 -16.64 17.83
CA GLU A 74 19.99 -15.51 17.97
C GLU A 74 20.19 -14.70 16.69
N LYS A 75 20.56 -15.35 15.57
CA LYS A 75 20.81 -14.71 14.28
C LYS A 75 19.60 -13.93 13.80
N LYS A 76 18.41 -14.58 13.80
CA LYS A 76 17.14 -14.00 13.35
C LYS A 76 16.71 -12.80 14.21
N GLN A 77 17.04 -12.80 15.53
CA GLN A 77 16.70 -11.71 16.45
C GLN A 77 17.56 -10.46 16.18
N GLN A 78 18.84 -10.65 15.81
CA GLN A 78 19.75 -9.55 15.47
C GLN A 78 19.26 -8.86 14.18
N MET A 79 18.84 -9.65 13.18
CA MET A 79 18.34 -9.15 11.89
C MET A 79 17.07 -8.32 12.10
N ALA A 80 16.12 -8.86 12.89
CA ALA A 80 14.87 -8.17 13.24
C ALA A 80 15.18 -6.83 13.87
N ARG A 81 16.13 -6.79 14.83
CA ARG A 81 16.56 -5.57 15.51
C ARG A 81 17.09 -4.53 14.51
N GLU A 82 18.00 -4.96 13.61
CA GLU A 82 18.61 -4.09 12.58
C GLU A 82 17.59 -3.55 11.61
N TYR A 83 16.58 -4.36 11.27
CA TYR A 83 15.53 -3.97 10.34
C TYR A 83 14.59 -2.98 11.00
N ARG A 84 14.28 -3.19 12.30
CA ARG A 84 13.44 -2.28 13.09
C ARG A 84 14.10 -0.89 13.12
N GLU A 85 15.43 -0.86 13.36
CA GLU A 85 16.23 0.36 13.40
C GLU A 85 16.21 1.10 12.07
N LYS A 86 16.24 0.36 10.95
CA LYS A 86 16.17 0.92 9.60
C LYS A 86 14.82 1.60 9.43
N ILE A 87 13.73 0.91 9.82
CA ILE A 87 12.35 1.40 9.73
C ILE A 87 12.21 2.65 10.60
N GLU A 88 12.70 2.61 11.85
CA GLU A 88 12.68 3.70 12.85
C GLU A 88 13.32 5.00 12.31
N THR A 89 14.48 4.88 11.66
CA THR A 89 15.20 5.98 11.02
C THR A 89 14.29 6.63 9.94
N GLU A 90 13.62 5.83 9.09
CA GLU A 90 12.69 6.36 8.09
C GLU A 90 11.56 7.09 8.79
N LEU A 91 10.95 6.46 9.80
CA LEU A 91 9.84 6.98 10.59
C LEU A 91 10.23 8.33 11.23
N ARG A 92 11.46 8.40 11.74
CA ARG A 92 12.02 9.60 12.37
C ARG A 92 12.17 10.75 11.40
N ASP A 93 12.75 10.47 10.22
CA ASP A 93 12.98 11.45 9.16
C ASP A 93 11.63 12.01 8.68
N ILE A 94 10.60 11.14 8.53
CA ILE A 94 9.25 11.57 8.13
C ILE A 94 8.68 12.53 9.19
N CYS A 95 8.72 12.14 10.48
CA CYS A 95 8.20 12.96 11.59
C CYS A 95 8.92 14.28 11.63
N ASN A 96 10.26 14.27 11.47
CA ASN A 96 11.05 15.50 11.51
C ASN A 96 10.73 16.39 10.32
N ASP A 97 10.49 15.83 9.14
CA ASP A 97 10.08 16.62 7.98
C ASP A 97 8.80 17.40 8.29
N VAL A 98 7.77 16.68 8.79
CA VAL A 98 6.48 17.26 9.17
C VAL A 98 6.68 18.31 10.26
N LEU A 99 7.39 17.96 11.35
CA LEU A 99 7.62 18.88 12.48
C LEU A 99 8.40 20.13 12.05
N SER A 100 9.33 20.01 11.08
CA SER A 100 10.08 21.17 10.55
C SER A 100 9.13 22.09 9.74
N LEU A 101 8.25 21.50 8.87
CA LEU A 101 7.27 22.27 8.09
C LEU A 101 6.34 23.05 9.03
N LEU A 102 5.85 22.37 10.12
CA LEU A 102 4.98 22.99 11.14
C LEU A 102 5.64 24.18 11.82
N GLU A 103 6.91 24.05 12.21
N GLU A 103 6.91 24.03 12.21
CA GLU A 103 7.60 25.13 12.91
CA GLU A 103 7.70 25.06 12.90
C GLU A 103 8.09 26.25 11.95
C GLU A 103 8.10 26.22 11.96
N LYS A 104 8.57 25.90 10.74
CA LYS A 104 9.05 26.93 9.79
C LYS A 104 7.92 27.67 9.08
N PHE A 105 6.80 26.98 8.72
CA PHE A 105 5.74 27.64 7.94
C PHE A 105 4.34 27.63 8.55
N LEU A 106 3.79 26.45 8.83
CA LEU A 106 2.40 26.23 9.20
C LEU A 106 1.96 26.92 10.51
N ILE A 107 2.67 26.71 11.63
CA ILE A 107 2.27 27.28 12.90
C ILE A 107 2.47 28.84 12.87
N PRO A 108 3.60 29.42 12.40
CA PRO A 108 3.70 30.90 12.40
C PRO A 108 2.72 31.64 11.48
N ASN A 109 2.19 30.99 10.44
CA ASN A 109 1.28 31.62 9.47
C ASN A 109 -0.21 31.34 9.76
N ALA A 110 -0.50 30.54 10.80
CA ALA A 110 -1.87 30.21 11.15
C ALA A 110 -2.46 31.45 11.84
N SER A 111 -3.23 32.26 11.06
CA SER A 111 -3.85 33.52 11.50
C SER A 111 -5.18 33.30 12.24
N GLN A 112 -5.93 32.21 11.86
CA GLN A 112 -7.21 31.89 12.48
C GLN A 112 -7.09 30.70 13.45
N ALA A 113 -7.91 30.72 14.51
CA ALA A 113 -7.95 29.71 15.56
C ALA A 113 -8.09 28.27 15.03
N GLU A 114 -8.95 28.07 14.01
CA GLU A 114 -9.21 26.78 13.37
C GLU A 114 -7.91 26.15 12.86
N SER A 115 -7.06 26.99 12.21
CA SER A 115 -5.77 26.59 11.64
C SER A 115 -4.76 26.26 12.74
N LYS A 116 -4.62 27.14 13.78
CA LYS A 116 -3.71 26.96 14.90
C LYS A 116 -3.96 25.62 15.62
N VAL A 117 -5.25 25.30 15.92
CA VAL A 117 -5.61 24.04 16.58
C VAL A 117 -5.26 22.85 15.67
N PHE A 118 -5.54 22.99 14.35
CA PHE A 118 -5.22 21.93 13.40
C PHE A 118 -3.72 21.60 13.42
N TYR A 119 -2.87 22.64 13.36
CA TYR A 119 -1.41 22.46 13.30
C TYR A 119 -0.81 22.07 14.65
N LEU A 120 -1.36 22.55 15.78
CA LEU A 120 -0.85 22.15 17.09
C LEU A 120 -1.23 20.69 17.37
N LYS A 121 -2.45 20.24 16.93
CA LYS A 121 -2.90 18.83 17.02
C LYS A 121 -1.91 17.99 16.19
N MET A 122 -1.57 18.48 14.99
CA MET A 122 -0.64 17.80 14.08
C MET A 122 0.73 17.64 14.73
N LYS A 123 1.23 18.71 15.41
CA LYS A 123 2.49 18.70 16.16
C LYS A 123 2.41 17.65 17.30
N GLY A 124 1.28 17.62 18.00
CA GLY A 124 0.99 16.67 19.07
C GLY A 124 1.08 15.26 18.54
N ASP A 125 0.47 15.02 17.36
CA ASP A 125 0.44 13.75 16.66
C ASP A 125 1.82 13.25 16.26
N TYR A 126 2.66 14.10 15.63
CA TYR A 126 3.94 13.63 15.11
C TYR A 126 4.98 13.46 16.23
N TYR A 127 4.87 14.18 17.34
CA TYR A 127 5.76 13.93 18.48
C TYR A 127 5.26 12.65 19.19
N ARG A 128 3.94 12.36 19.13
CA ARG A 128 3.40 11.09 19.67
C ARG A 128 4.00 9.90 18.90
N TYR A 129 4.17 10.04 17.56
CA TYR A 129 4.75 8.95 16.76
C TYR A 129 6.22 8.74 17.09
N LEU A 130 6.95 9.83 17.37
CA LEU A 130 8.34 9.72 17.82
C LEU A 130 8.39 9.00 19.18
N ALA A 131 7.47 9.36 20.10
CA ALA A 131 7.35 8.80 21.45
C ALA A 131 7.06 7.29 21.42
N GLU A 132 6.26 6.85 20.44
CA GLU A 132 5.94 5.42 20.23
C GLU A 132 7.21 4.57 20.05
N VAL A 133 8.26 5.15 19.41
CA VAL A 133 9.51 4.46 19.08
C VAL A 133 10.72 4.98 19.91
N ALA A 134 10.54 6.04 20.71
CA ALA A 134 11.65 6.56 21.49
C ALA A 134 11.88 5.75 22.77
N ALA A 135 13.14 5.37 23.03
CA ALA A 135 13.54 4.61 24.22
C ALA A 135 14.88 5.10 24.76
N ASP A 137 16.66 7.83 26.63
CA ASP A 137 16.42 8.84 27.66
C ASP A 137 15.74 10.09 27.08
N ASP A 138 15.73 10.16 25.73
CA ASP A 138 15.14 11.24 24.91
C ASP A 138 13.61 11.21 24.94
N LYS A 139 13.00 10.08 25.38
CA LYS A 139 11.55 9.86 25.41
C LYS A 139 10.78 10.94 26.16
N LYS A 140 11.13 11.18 27.44
CA LYS A 140 10.46 12.16 28.32
C LYS A 140 10.29 13.53 27.62
N GLY A 141 11.36 14.03 26.99
CA GLY A 141 11.35 15.29 26.25
C GLY A 141 10.42 15.29 25.07
N ILE A 142 10.38 14.15 24.35
CA ILE A 142 9.50 13.97 23.19
C ILE A 142 8.03 13.91 23.65
N VAL A 143 7.75 13.17 24.75
CA VAL A 143 6.43 12.99 25.36
C VAL A 143 5.89 14.34 25.82
N ASP A 144 6.77 15.16 26.44
CA ASP A 144 6.44 16.50 26.92
C ASP A 144 6.09 17.44 25.75
N GLN A 145 6.81 17.32 24.60
CA GLN A 145 6.55 18.11 23.38
C GLN A 145 5.17 17.78 22.78
N SER A 146 4.81 16.49 22.75
CA SER A 146 3.51 16.03 22.29
C SER A 146 2.40 16.52 23.25
N GLN A 147 2.62 16.38 24.58
CA GLN A 147 1.66 16.82 25.59
C GLN A 147 1.43 18.33 25.52
N GLN A 148 2.52 19.14 25.36
CA GLN A 148 2.44 20.62 25.29
C GLN A 148 1.69 21.08 24.05
N ALA A 149 1.93 20.45 22.88
CA ALA A 149 1.26 20.83 21.63
C ALA A 149 -0.26 20.55 21.76
N TYR A 150 -0.63 19.33 22.21
CA TYR A 150 -2.02 18.91 22.44
C TYR A 150 -2.75 19.80 23.46
N GLN A 151 -2.10 20.13 24.60
CA GLN A 151 -2.72 20.97 25.65
C GLN A 151 -3.09 22.37 25.11
N GLU A 152 -2.16 23.00 24.35
CA GLU A 152 -2.38 24.34 23.77
C GLU A 152 -3.52 24.29 22.76
N ALA A 153 -3.51 23.28 21.88
CA ALA A 153 -4.57 23.09 20.89
C ALA A 153 -5.91 22.85 21.59
N PHE A 154 -5.93 22.05 22.69
CA PHE A 154 -7.12 21.72 23.46
C PHE A 154 -7.75 22.98 24.05
N GLU A 155 -6.93 23.83 24.72
CA GLU A 155 -7.34 25.09 25.33
C GLU A 155 -7.99 26.01 24.30
N ILE A 156 -7.35 26.20 23.13
CA ILE A 156 -7.84 27.06 22.06
C ILE A 156 -9.16 26.49 21.46
N SER A 157 -9.27 25.16 21.28
CA SER A 157 -10.47 24.55 20.72
C SER A 157 -11.70 24.72 21.63
N LYS A 158 -11.55 24.49 22.96
CA LYS A 158 -12.60 24.64 23.96
C LYS A 158 -13.10 26.09 24.05
N LYS A 159 -12.22 27.05 23.75
CA LYS A 159 -12.52 28.48 23.82
C LYS A 159 -13.12 29.01 22.50
N GLU A 160 -12.52 28.67 21.35
CA GLU A 160 -12.90 29.23 20.04
C GLU A 160 -13.80 28.37 19.16
N MET A 161 -13.91 27.07 19.42
CA MET A 161 -14.71 26.24 18.53
C MET A 161 -15.90 25.63 19.22
N GLN A 162 -16.89 25.24 18.40
CA GLN A 162 -18.10 24.60 18.87
C GLN A 162 -17.78 23.14 19.25
N PRO A 163 -18.43 22.56 20.28
CA PRO A 163 -18.08 21.19 20.71
C PRO A 163 -18.31 20.10 19.67
N THR A 164 -19.02 20.42 18.57
CA THR A 164 -19.28 19.48 17.46
C THR A 164 -18.28 19.65 16.31
N HIS A 165 -17.46 20.72 16.32
CA HIS A 165 -16.49 20.94 15.25
C HIS A 165 -15.59 19.70 15.10
N PRO A 166 -15.40 19.16 13.86
CA PRO A 166 -14.56 17.95 13.71
C PRO A 166 -13.12 18.11 14.18
N ILE A 167 -12.54 19.34 14.06
CA ILE A 167 -11.15 19.56 14.47
C ILE A 167 -11.04 19.46 16.00
N ARG A 168 -12.04 20.00 16.71
CA ARG A 168 -12.09 19.95 18.17
C ARG A 168 -12.31 18.52 18.65
N LEU A 169 -13.22 17.78 17.97
CA LEU A 169 -13.49 16.39 18.31
C LEU A 169 -12.29 15.50 18.03
N GLY A 170 -11.68 15.64 16.85
CA GLY A 170 -10.51 14.88 16.42
C GLY A 170 -9.32 15.04 17.35
N LEU A 171 -9.09 16.29 17.80
CA LEU A 171 -8.01 16.60 18.74
C LEU A 171 -8.28 15.93 20.09
N ALA A 172 -9.52 15.99 20.57
CA ALA A 172 -9.90 15.37 21.85
C ALA A 172 -9.69 13.84 21.73
N LEU A 173 -10.01 13.25 20.55
CA LEU A 173 -9.80 11.82 20.29
C LEU A 173 -8.32 11.46 20.38
N ASN A 174 -7.41 12.28 19.76
CA ASN A 174 -5.96 11.98 19.72
C ASN A 174 -5.27 12.29 21.05
N PHE A 175 -5.63 13.36 21.74
CA PHE A 175 -5.05 13.65 23.07
C PHE A 175 -5.47 12.54 24.06
N SER A 176 -6.73 12.07 23.91
CA SER A 176 -7.27 10.94 24.67
C SER A 176 -6.42 9.67 24.36
N VAL A 177 -6.07 9.45 23.08
CA VAL A 177 -5.23 8.30 22.68
C VAL A 177 -3.81 8.46 23.28
N PHE A 178 -3.29 9.72 23.28
CA PHE A 178 -1.99 10.03 23.86
C PHE A 178 -1.97 9.66 25.35
N TYR A 179 -3.02 10.05 26.10
CA TYR A 179 -3.08 9.74 27.53
C TYR A 179 -3.09 8.22 27.75
N TYR A 180 -3.89 7.47 26.96
CA TYR A 180 -3.97 6.02 27.11
C TYR A 180 -2.68 5.30 26.68
N GLU A 181 -2.22 5.54 25.45
CA GLU A 181 -1.07 4.84 24.88
C GLU A 181 0.29 5.34 25.34
N ILE A 182 0.50 6.65 25.46
CA ILE A 182 1.83 7.17 25.78
C ILE A 182 2.01 7.37 27.30
N LEU A 183 1.00 7.89 28.00
CA LEU A 183 1.12 8.20 29.42
C LEU A 183 0.48 7.14 30.34
N ASN A 184 -0.13 6.07 29.77
CA ASN A 184 -0.75 4.97 30.50
C ASN A 184 -1.68 5.50 31.63
N SER A 185 -2.57 6.43 31.25
CA SER A 185 -3.53 7.10 32.11
C SER A 185 -4.90 6.78 31.50
N PRO A 186 -5.41 5.52 31.63
CA PRO A 186 -6.66 5.17 30.94
C PRO A 186 -7.90 5.83 31.53
N GLU A 187 -7.86 6.21 32.81
CA GLU A 187 -8.98 6.91 33.41
C GLU A 187 -9.07 8.35 32.88
N LYS A 188 -7.97 9.13 32.75
CA LYS A 188 -8.21 10.47 32.19
C LYS A 188 -8.41 10.40 30.64
N ALA A 189 -7.92 9.34 30.00
CA ALA A 189 -8.14 9.13 28.58
C ALA A 189 -9.67 8.98 28.38
N CYS A 190 -10.31 8.16 29.27
CA CYS A 190 -11.75 7.90 29.27
C CYS A 190 -12.56 9.16 29.58
N SER A 191 -12.14 9.94 30.59
CA SER A 191 -12.83 11.18 30.96
C SER A 191 -12.76 12.18 29.80
N LEU A 192 -11.57 12.36 29.18
CA LEU A 192 -11.39 13.29 28.05
C LEU A 192 -12.31 12.93 26.87
N ALA A 193 -12.35 11.64 26.49
CA ALA A 193 -13.21 11.15 25.40
C ALA A 193 -14.72 11.26 25.77
N LYS A 194 -15.09 10.91 27.01
CA LYS A 194 -16.48 10.99 27.47
C LYS A 194 -17.02 12.42 27.47
N THR A 195 -16.24 13.41 27.97
CA THR A 195 -16.69 14.80 28.02
C THR A 195 -16.81 15.34 26.62
N ALA A 196 -15.84 15.01 25.75
CA ALA A 196 -15.86 15.42 24.34
C ALA A 196 -17.15 14.93 23.66
N PHE A 197 -17.52 13.66 23.92
CA PHE A 197 -18.72 13.03 23.37
C PHE A 197 -20.01 13.67 23.88
N ASP A 198 -20.12 13.77 25.22
CA ASP A 198 -21.30 14.34 25.90
C ASP A 198 -21.53 15.81 25.53
N GLU A 199 -20.45 16.62 25.42
CA GLU A 199 -20.54 18.06 25.08
C GLU A 199 -20.95 18.26 23.61
N ALA A 200 -20.70 17.25 22.76
CA ALA A 200 -21.09 17.27 21.36
C ALA A 200 -22.57 16.89 21.25
N ILE A 201 -22.99 15.82 21.99
CA ILE A 201 -24.38 15.32 22.05
C ILE A 201 -25.32 16.44 22.53
N ALA A 202 -24.86 17.24 23.51
CA ALA A 202 -25.64 18.33 24.10
C ALA A 202 -25.82 19.53 23.14
N GLU A 203 -24.95 19.69 22.12
CA GLU A 203 -25.05 20.84 21.20
C GLU A 203 -25.07 20.41 19.72
N LEU A 204 -25.88 19.39 19.38
CA LEU A 204 -25.98 18.85 18.01
C LEU A 204 -26.59 19.86 17.00
N ASP A 205 -27.26 20.91 17.50
CA ASP A 205 -27.82 22.01 16.70
C ASP A 205 -26.71 22.86 16.01
N THR A 206 -25.45 22.72 16.49
CA THR A 206 -24.29 23.45 15.97
C THR A 206 -23.61 22.69 14.80
N LEU A 207 -24.15 21.52 14.40
CA LEU A 207 -23.59 20.75 13.28
C LEU A 207 -23.78 21.48 11.97
N SER A 208 -22.72 21.57 11.17
CA SER A 208 -22.71 22.16 9.84
C SER A 208 -22.92 21.05 8.82
N GLU A 209 -23.69 21.31 7.74
CA GLU A 209 -23.95 20.34 6.67
C GLU A 209 -22.64 19.92 5.97
N GLU A 210 -21.66 20.84 5.92
CA GLU A 210 -20.36 20.60 5.29
C GLU A 210 -19.39 19.79 6.19
N SER A 211 -19.73 19.57 7.48
CA SER A 211 -18.81 18.87 8.38
C SER A 211 -19.47 17.82 9.32
N TYR A 212 -20.81 17.65 9.28
CA TYR A 212 -21.54 16.73 10.16
C TYR A 212 -21.07 15.26 10.03
N LYS A 213 -20.65 14.81 8.84
CA LYS A 213 -20.19 13.44 8.60
C LYS A 213 -18.90 13.13 9.38
N ASP A 214 -17.93 14.06 9.36
CA ASP A 214 -16.69 13.91 10.12
C ASP A 214 -16.95 13.99 11.62
N SER A 215 -17.82 14.92 12.04
CA SER A 215 -18.21 15.15 13.43
C SER A 215 -18.80 13.89 14.05
N THR A 216 -19.86 13.32 13.43
CA THR A 216 -20.57 12.12 13.89
C THR A 216 -19.67 10.89 13.83
N LEU A 217 -18.70 10.84 12.87
CA LEU A 217 -17.73 9.76 12.78
C LEU A 217 -16.79 9.77 14.00
N ILE A 218 -16.22 10.95 14.33
CA ILE A 218 -15.29 11.11 15.46
C ILE A 218 -16.02 10.81 16.78
N MET A 219 -17.32 11.22 16.92
CA MET A 219 -18.10 10.93 18.14
C MET A 219 -18.19 9.40 18.34
N GLN A 220 -18.45 8.65 17.26
CA GLN A 220 -18.51 7.19 17.26
C GLN A 220 -17.16 6.59 17.68
N LEU A 221 -16.03 7.18 17.20
CA LEU A 221 -14.66 6.78 17.53
C LEU A 221 -14.35 7.06 19.00
N LEU A 222 -14.78 8.23 19.50
CA LEU A 222 -14.63 8.63 20.91
C LEU A 222 -15.31 7.61 21.81
N ARG A 223 -16.54 7.20 21.45
CA ARG A 223 -17.30 6.26 22.27
C ARG A 223 -16.71 4.82 22.18
N ASP A 224 -16.15 4.45 21.01
CA ASP A 224 -15.51 3.16 20.79
C ASP A 224 -14.29 3.00 21.70
N ASN A 225 -13.47 4.07 21.78
CA ASN A 225 -12.27 4.10 22.64
C ASN A 225 -12.66 4.05 24.11
N LEU A 226 -13.72 4.78 24.51
CA LEU A 226 -14.25 4.78 25.87
C LEU A 226 -14.69 3.36 26.25
N THR A 227 -15.45 2.68 25.36
CA THR A 227 -15.95 1.31 25.52
C THR A 227 -14.81 0.28 25.53
N LEU A 228 -13.76 0.47 24.70
CA LEU A 228 -12.65 -0.48 24.67
C LEU A 228 -11.74 -0.32 25.88
N TRP A 229 -11.44 0.93 26.31
CA TRP A 229 -10.57 1.17 27.47
C TRP A 229 -11.28 0.85 28.80
N THR A 230 -12.63 0.61 28.78
CA THR A 230 -13.43 0.25 29.96
C THR A 230 -13.72 -1.25 29.97
N MET B 2 25.43 -9.70 3.09
CA MET B 2 24.49 -10.77 3.40
C MET B 2 24.61 -11.96 2.45
N ASP B 3 24.71 -13.18 3.03
CA ASP B 3 24.72 -14.50 2.37
C ASP B 3 23.24 -14.87 2.06
N LYS B 4 23.00 -15.90 1.23
CA LYS B 4 21.68 -16.37 0.77
C LYS B 4 20.65 -16.46 1.90
N ASN B 5 20.95 -17.27 2.94
CA ASN B 5 20.11 -17.55 4.13
C ASN B 5 19.70 -16.25 4.86
N GLU B 6 20.63 -15.28 4.96
CA GLU B 6 20.38 -13.97 5.56
C GLU B 6 19.42 -13.16 4.67
N LEU B 7 19.64 -13.18 3.34
CA LEU B 7 18.78 -12.46 2.38
C LEU B 7 17.37 -13.05 2.35
N VAL B 8 17.26 -14.39 2.47
CA VAL B 8 15.96 -15.07 2.49
C VAL B 8 15.23 -14.69 3.79
N GLN B 9 15.95 -14.66 4.92
CA GLN B 9 15.39 -14.26 6.20
C GLN B 9 14.96 -12.78 6.18
N LYS B 10 15.76 -11.88 5.58
CA LYS B 10 15.39 -10.47 5.46
C LYS B 10 14.13 -10.31 4.53
N ALA B 11 14.01 -11.16 3.47
CA ALA B 11 12.86 -11.18 2.56
C ALA B 11 11.57 -11.53 3.31
N LYS B 12 11.65 -12.51 4.23
CA LYS B 12 10.52 -12.96 5.04
C LYS B 12 10.09 -11.86 6.03
N LEU B 13 11.07 -11.14 6.59
CA LEU B 13 10.84 -10.01 7.49
C LEU B 13 10.13 -8.89 6.70
N ALA B 14 10.69 -8.49 5.53
CA ALA B 14 10.11 -7.46 4.65
C ALA B 14 8.69 -7.85 4.27
N GLU B 15 8.45 -9.13 3.98
CA GLU B 15 7.10 -9.60 3.66
C GLU B 15 6.13 -9.31 4.82
N GLN B 16 6.52 -9.67 6.06
CA GLN B 16 5.70 -9.48 7.25
C GLN B 16 5.41 -8.00 7.49
N ALA B 17 6.41 -7.13 7.24
CA ALA B 17 6.40 -5.66 7.36
C ALA B 17 5.65 -5.00 6.18
N GLU B 18 5.29 -5.77 5.14
CA GLU B 18 4.64 -5.31 3.90
C GLU B 18 5.50 -4.25 3.19
N ARG B 19 6.81 -4.50 3.17
CA ARG B 19 7.77 -3.64 2.49
CA ARG B 19 7.77 -3.64 2.48
C ARG B 19 8.27 -4.46 1.31
N TYR B 20 7.47 -4.46 0.28
CA TYR B 20 7.66 -5.32 -0.87
C TYR B 20 8.82 -4.88 -1.75
N ASP B 21 9.23 -3.60 -1.73
CA ASP B 21 10.41 -3.21 -2.50
C ASP B 21 11.63 -3.86 -1.85
N ASP B 22 11.71 -3.85 -0.50
CA ASP B 22 12.83 -4.46 0.21
C ASP B 22 12.84 -5.96 -0.05
N MET B 23 11.65 -6.58 0.00
CA MET B 23 11.48 -8.02 -0.23
C MET B 23 12.00 -8.40 -1.62
N ALA B 24 11.61 -7.64 -2.67
CA ALA B 24 12.02 -7.85 -4.06
C ALA B 24 13.54 -7.69 -4.22
N ALA B 25 14.16 -6.67 -3.58
CA ALA B 25 15.61 -6.46 -3.65
C ALA B 25 16.37 -7.64 -3.04
N CYS B 26 15.86 -8.22 -1.95
CA CYS B 26 16.46 -9.38 -1.29
C CYS B 26 16.44 -10.58 -2.22
N MET B 27 15.26 -10.86 -2.80
CA MET B 27 15.07 -12.03 -3.63
C MET B 27 15.77 -11.88 -4.98
N LYS B 28 15.90 -10.63 -5.48
CA LYS B 28 16.62 -10.30 -6.70
C LYS B 28 18.08 -10.72 -6.48
N SER B 29 18.67 -10.30 -5.32
CA SER B 29 20.05 -10.61 -4.93
C SER B 29 20.25 -12.12 -4.77
N VAL B 30 19.29 -12.81 -4.15
CA VAL B 30 19.33 -14.27 -4.03
C VAL B 30 19.42 -14.90 -5.43
N THR B 31 18.59 -14.39 -6.37
CA THR B 31 18.56 -14.94 -7.74
C THR B 31 19.87 -14.68 -8.49
N GLU B 32 20.48 -13.52 -8.27
CA GLU B 32 21.72 -13.12 -8.96
C GLU B 32 22.94 -13.93 -8.50
N GLN B 33 22.82 -14.74 -7.41
CA GLN B 33 23.89 -15.65 -6.97
C GLN B 33 24.01 -16.84 -7.92
N GLY B 34 23.02 -17.02 -8.80
CA GLY B 34 23.05 -18.01 -9.87
C GLY B 34 22.57 -19.42 -9.58
N ALA B 35 22.42 -19.77 -8.29
CA ALA B 35 21.97 -21.13 -7.97
C ALA B 35 20.45 -21.25 -8.12
N GLU B 36 19.99 -22.45 -8.51
CA GLU B 36 18.57 -22.76 -8.70
C GLU B 36 17.80 -22.47 -7.43
N LEU B 37 16.68 -21.74 -7.55
CA LEU B 37 15.86 -21.37 -6.41
C LEU B 37 15.08 -22.55 -5.88
N SER B 38 15.03 -22.69 -4.55
CA SER B 38 14.20 -23.71 -3.90
C SER B 38 12.75 -23.26 -4.11
N ASN B 39 11.76 -24.14 -3.83
CA ASN B 39 10.36 -23.79 -3.95
C ASN B 39 10.01 -22.60 -3.06
N GLU B 40 10.55 -22.55 -1.85
CA GLU B 40 10.34 -21.46 -0.89
C GLU B 40 10.85 -20.13 -1.45
N GLU B 41 12.11 -20.10 -1.96
CA GLU B 41 12.73 -18.90 -2.51
C GLU B 41 11.98 -18.40 -3.75
N ARG B 42 11.58 -19.35 -4.61
CA ARG B 42 10.80 -19.11 -5.82
C ARG B 42 9.50 -18.34 -5.48
N ASN B 43 8.78 -18.81 -4.43
CA ASN B 43 7.52 -18.22 -3.99
CA ASN B 43 7.52 -18.23 -3.99
C ASN B 43 7.77 -16.84 -3.38
N LEU B 44 8.87 -16.66 -2.62
CA LEU B 44 9.21 -15.37 -2.03
C LEU B 44 9.51 -14.36 -3.16
N LEU B 45 10.23 -14.78 -4.23
CA LEU B 45 10.51 -13.89 -5.37
C LEU B 45 9.22 -13.48 -6.06
N SER B 46 8.31 -14.46 -6.30
CA SER B 46 7.05 -14.26 -7.01
C SER B 46 6.12 -13.31 -6.24
N VAL B 47 5.96 -13.50 -4.95
CA VAL B 47 5.14 -12.68 -4.05
C VAL B 47 5.68 -11.23 -4.02
N ALA B 48 7.00 -11.08 -3.90
CA ALA B 48 7.62 -9.77 -3.80
C ALA B 48 7.33 -8.93 -5.06
N TYR B 49 7.63 -9.48 -6.23
CA TYR B 49 7.41 -8.75 -7.47
C TYR B 49 5.93 -8.64 -7.81
N LYS B 50 5.09 -9.60 -7.39
CA LYS B 50 3.63 -9.49 -7.66
C LYS B 50 3.12 -8.18 -7.01
N ASN B 51 3.52 -7.93 -5.78
CA ASN B 51 3.15 -6.73 -5.04
C ASN B 51 3.80 -5.48 -5.55
N VAL B 52 5.08 -5.51 -5.92
CA VAL B 52 5.81 -4.34 -6.46
C VAL B 52 5.15 -3.89 -7.82
N VAL B 53 4.97 -4.81 -8.76
CA VAL B 53 4.36 -4.50 -10.06
C VAL B 53 2.85 -4.18 -9.88
N GLY B 54 2.20 -4.91 -8.98
CA GLY B 54 0.78 -4.78 -8.67
C GLY B 54 0.40 -3.40 -8.23
N ALA B 55 1.21 -2.74 -7.37
CA ALA B 55 0.95 -1.34 -6.95
C ALA B 55 0.99 -0.41 -8.16
N ARG B 56 1.89 -0.65 -9.15
CA ARG B 56 1.99 0.21 -10.34
C ARG B 56 0.87 -0.02 -11.30
N ARG B 57 0.45 -1.30 -11.46
CA ARG B 57 -0.65 -1.65 -12.36
C ARG B 57 -1.94 -1.05 -11.81
N SER B 58 -2.14 -1.10 -10.48
CA SER B 58 -3.30 -0.54 -9.80
C SER B 58 -3.30 0.99 -9.95
N SER B 59 -2.15 1.67 -9.72
CA SER B 59 -2.05 3.12 -9.90
C SER B 59 -2.29 3.51 -11.35
N TRP B 60 -1.73 2.74 -12.30
CA TRP B 60 -1.87 2.96 -13.74
C TRP B 60 -3.34 2.92 -14.15
N ARG B 61 -4.07 1.89 -13.73
CA ARG B 61 -5.50 1.73 -14.03
C ARG B 61 -6.33 2.93 -13.53
N VAL B 62 -6.07 3.41 -12.30
CA VAL B 62 -6.78 4.56 -11.73
C VAL B 62 -6.51 5.83 -12.55
N VAL B 63 -5.23 6.12 -12.84
CA VAL B 63 -4.84 7.35 -13.52
C VAL B 63 -5.32 7.30 -14.98
N SER B 64 -5.27 6.11 -15.65
CA SER B 64 -5.79 5.92 -17.02
C SER B 64 -7.29 6.20 -17.07
N SER B 65 -8.05 5.67 -16.08
CA SER B 65 -9.49 5.89 -15.96
C SER B 65 -9.81 7.40 -15.80
N ILE B 66 -9.01 8.14 -15.00
CA ILE B 66 -9.15 9.59 -14.79
C ILE B 66 -8.84 10.32 -16.11
N GLU B 67 -7.72 9.94 -16.77
CA GLU B 67 -7.29 10.48 -18.06
C GLU B 67 -8.39 10.31 -19.11
N GLN B 68 -9.13 9.18 -19.09
CA GLN B 68 -10.25 8.93 -20.02
C GLN B 68 -11.48 9.79 -19.60
N LYS B 69 -11.81 9.78 -18.29
CA LYS B 69 -12.93 10.51 -17.66
C LYS B 69 -12.83 12.06 -17.78
N THR B 70 -11.64 12.61 -18.11
CA THR B 70 -11.42 14.06 -18.19
C THR B 70 -11.20 14.55 -19.63
N GLU B 71 -11.68 13.79 -20.64
CA GLU B 71 -11.59 14.13 -22.08
C GLU B 71 -11.86 15.63 -22.39
N GLY B 72 -12.93 16.18 -21.80
CA GLY B 72 -13.34 17.57 -21.98
C GLY B 72 -12.61 18.61 -21.15
N ALA B 73 -11.96 18.21 -20.04
CA ALA B 73 -11.17 19.10 -19.17
C ALA B 73 -9.68 18.98 -19.56
N GLU B 74 -9.25 19.84 -20.49
CA GLU B 74 -7.93 19.87 -21.12
C GLU B 74 -6.77 19.87 -20.13
N LYS B 75 -6.76 20.85 -19.19
CA LYS B 75 -5.69 21.00 -18.20
C LYS B 75 -5.52 19.74 -17.36
N LYS B 76 -6.65 19.24 -16.82
CA LYS B 76 -6.69 18.06 -15.94
C LYS B 76 -6.27 16.77 -16.69
N GLN B 77 -6.58 16.66 -18.00
CA GLN B 77 -6.26 15.47 -18.80
C GLN B 77 -4.76 15.39 -19.09
N GLN B 78 -4.12 16.55 -19.39
CA GLN B 78 -2.66 16.59 -19.62
C GLN B 78 -1.91 16.17 -18.35
N MET B 79 -2.37 16.66 -17.17
CA MET B 79 -1.83 16.35 -15.83
C MET B 79 -1.89 14.81 -15.64
N ALA B 80 -3.07 14.20 -15.88
CA ALA B 80 -3.32 12.76 -15.77
C ALA B 80 -2.43 11.94 -16.73
N ARG B 81 -2.28 12.43 -17.99
CA ARG B 81 -1.47 11.77 -19.02
C ARG B 81 0.00 11.66 -18.62
N GLU B 82 0.61 12.79 -18.18
CA GLU B 82 2.01 12.85 -17.78
C GLU B 82 2.31 11.96 -16.57
N TYR B 83 1.35 11.85 -15.64
CA TYR B 83 1.48 11.05 -14.44
C TYR B 83 1.39 9.58 -14.80
N ARG B 84 0.49 9.22 -15.72
CA ARG B 84 0.31 7.86 -16.22
C ARG B 84 1.64 7.39 -16.86
N GLU B 85 2.26 8.26 -17.68
CA GLU B 85 3.54 8.00 -18.33
C GLU B 85 4.67 7.77 -17.31
N LYS B 86 4.66 8.54 -16.21
CA LYS B 86 5.64 8.37 -15.13
C LYS B 86 5.48 6.98 -14.48
N ILE B 87 4.21 6.59 -14.20
CA ILE B 87 3.86 5.30 -13.60
C ILE B 87 4.29 4.20 -14.55
N GLU B 88 4.11 4.42 -15.88
CA GLU B 88 4.48 3.45 -16.90
C GLU B 88 5.96 3.15 -16.95
N THR B 89 6.81 4.17 -16.74
CA THR B 89 8.27 4.02 -16.71
C THR B 89 8.63 3.10 -15.55
N GLU B 90 8.02 3.33 -14.38
CA GLU B 90 8.27 2.48 -13.20
C GLU B 90 7.84 1.04 -13.47
N LEU B 91 6.62 0.87 -13.98
CA LEU B 91 6.03 -0.42 -14.30
C LEU B 91 6.91 -1.20 -15.30
N ARG B 92 7.44 -0.51 -16.34
CA ARG B 92 8.30 -1.13 -17.35
C ARG B 92 9.63 -1.59 -16.77
N ASP B 93 10.26 -0.74 -15.91
CA ASP B 93 11.53 -1.05 -15.25
C ASP B 93 11.37 -2.29 -14.40
N ILE B 94 10.26 -2.39 -13.63
CA ILE B 94 9.94 -3.56 -12.81
C ILE B 94 9.81 -4.82 -13.69
N CYS B 95 9.00 -4.77 -14.77
CA CYS B 95 8.80 -5.91 -15.69
C CYS B 95 10.13 -6.28 -16.36
N ASN B 96 10.93 -5.31 -16.80
CA ASN B 96 12.25 -5.54 -17.41
C ASN B 96 13.21 -6.20 -16.40
N ASP B 97 13.17 -5.81 -15.12
CA ASP B 97 14.00 -6.44 -14.09
C ASP B 97 13.67 -7.93 -13.94
N VAL B 98 12.38 -8.25 -13.85
CA VAL B 98 11.84 -9.62 -13.69
C VAL B 98 12.17 -10.47 -14.91
N LEU B 99 11.88 -9.94 -16.10
CA LEU B 99 12.11 -10.69 -17.33
C LEU B 99 13.60 -10.93 -17.57
N SER B 100 14.46 -10.00 -17.09
CA SER B 100 15.91 -10.18 -17.18
C SER B 100 16.34 -11.32 -16.26
N LEU B 101 15.77 -11.42 -15.02
CA LEU B 101 16.09 -12.51 -14.07
C LEU B 101 15.65 -13.85 -14.62
N LEU B 102 14.49 -13.88 -15.26
CA LEU B 102 13.97 -15.10 -15.86
C LEU B 102 14.86 -15.62 -16.99
N GLU B 103 15.29 -14.70 -17.88
CA GLU B 103 16.11 -15.02 -19.04
C GLU B 103 17.57 -15.34 -18.65
N LYS B 104 18.16 -14.57 -17.72
CA LYS B 104 19.55 -14.80 -17.33
C LYS B 104 19.73 -15.97 -16.33
N PHE B 105 18.79 -16.15 -15.37
CA PHE B 105 18.99 -17.18 -14.33
C PHE B 105 17.91 -18.28 -14.22
N LEU B 106 16.67 -17.89 -13.99
CA LEU B 106 15.56 -18.77 -13.65
C LEU B 106 15.19 -19.80 -14.70
N ILE B 107 14.95 -19.39 -15.96
CA ILE B 107 14.56 -20.33 -17.02
C ILE B 107 15.76 -21.27 -17.36
N PRO B 108 17.03 -20.82 -17.56
CA PRO B 108 18.09 -21.80 -17.90
C PRO B 108 18.44 -22.81 -16.79
N ASN B 109 18.13 -22.49 -15.52
CA ASN B 109 18.46 -23.36 -14.38
C ASN B 109 17.26 -24.22 -13.90
N ALA B 110 16.10 -24.09 -14.55
CA ALA B 110 14.92 -24.86 -14.19
C ALA B 110 15.14 -26.28 -14.73
N SER B 111 15.55 -27.21 -13.82
CA SER B 111 15.89 -28.61 -14.13
C SER B 111 14.65 -29.53 -14.17
N GLN B 112 13.61 -29.22 -13.36
CA GLN B 112 12.38 -30.00 -13.30
C GLN B 112 11.21 -29.29 -14.01
N ALA B 113 10.28 -30.08 -14.59
CA ALA B 113 9.12 -29.61 -15.35
C ALA B 113 8.27 -28.57 -14.57
N GLU B 114 8.05 -28.82 -13.25
CA GLU B 114 7.30 -27.95 -12.36
C GLU B 114 7.85 -26.52 -12.38
N SER B 115 9.20 -26.40 -12.31
CA SER B 115 9.93 -25.13 -12.32
C SER B 115 9.84 -24.42 -13.66
N LYS B 116 10.08 -25.16 -14.78
CA LYS B 116 10.02 -24.63 -16.15
C LYS B 116 8.66 -24.00 -16.45
N VAL B 117 7.56 -24.74 -16.13
CA VAL B 117 6.17 -24.25 -16.31
C VAL B 117 5.95 -22.99 -15.45
N PHE B 118 6.46 -22.96 -14.21
CA PHE B 118 6.32 -21.81 -13.31
C PHE B 118 6.98 -20.56 -13.90
N TYR B 119 8.23 -20.70 -14.38
CA TYR B 119 8.99 -19.56 -14.90
C TYR B 119 8.52 -19.12 -16.29
N LEU B 120 8.07 -20.04 -17.15
CA LEU B 120 7.56 -19.64 -18.46
C LEU B 120 6.21 -18.91 -18.31
N LYS B 121 5.37 -19.35 -17.35
CA LYS B 121 4.11 -18.70 -17.01
C LYS B 121 4.45 -17.28 -16.50
N MET B 122 5.49 -17.17 -15.64
CA MET B 122 5.94 -15.91 -15.07
C MET B 122 6.37 -14.95 -16.19
N LYS B 123 7.13 -15.46 -17.20
CA LYS B 123 7.59 -14.72 -18.40
C LYS B 123 6.36 -14.21 -19.15
N GLY B 124 5.38 -15.11 -19.35
CA GLY B 124 4.12 -14.81 -20.01
C GLY B 124 3.42 -13.67 -19.31
N ASP B 125 3.37 -13.74 -17.96
CA ASP B 125 2.75 -12.75 -17.07
C ASP B 125 3.40 -11.38 -17.14
N TYR B 126 4.74 -11.29 -17.07
CA TYR B 126 5.37 -9.97 -17.00
C TYR B 126 5.44 -9.33 -18.39
N TYR B 127 5.40 -10.15 -19.48
CA TYR B 127 5.33 -9.60 -20.83
C TYR B 127 3.89 -9.11 -21.06
N ARG B 128 2.91 -9.77 -20.43
CA ARG B 128 1.49 -9.35 -20.48
C ARG B 128 1.32 -7.97 -19.79
N TYR B 129 2.03 -7.72 -18.67
CA TYR B 129 1.94 -6.43 -17.98
C TYR B 129 2.52 -5.32 -18.86
N LEU B 130 3.56 -5.64 -19.65
CA LEU B 130 4.12 -4.67 -20.56
C LEU B 130 3.13 -4.38 -21.68
N ALA B 131 2.42 -5.43 -22.13
CA ALA B 131 1.41 -5.39 -23.19
C ALA B 131 0.18 -4.58 -22.78
N GLU B 132 -0.15 -4.56 -21.46
CA GLU B 132 -1.28 -3.80 -20.89
C GLU B 132 -1.09 -2.31 -21.10
N VAL B 133 0.18 -1.82 -21.05
CA VAL B 133 0.50 -0.40 -21.14
C VAL B 133 1.23 -0.04 -22.46
N ALA B 134 1.62 -1.06 -23.30
CA ALA B 134 2.33 -0.82 -24.58
C ALA B 134 1.40 -0.32 -25.65
N ALA B 135 1.78 0.80 -26.31
CA ALA B 135 1.03 1.40 -27.43
C ALA B 135 1.95 1.93 -28.51
N ASP B 137 4.05 0.97 -31.44
CA ASP B 137 4.37 -0.03 -32.45
C ASP B 137 5.08 -1.24 -31.85
N ASP B 138 5.65 -1.08 -30.64
CA ASP B 138 6.37 -2.11 -29.87
C ASP B 138 5.45 -3.21 -29.32
N LYS B 139 4.12 -2.93 -29.27
CA LYS B 139 3.10 -3.81 -28.70
C LYS B 139 3.11 -5.22 -29.29
N LYS B 140 3.00 -5.37 -30.62
CA LYS B 140 2.95 -6.67 -31.32
C LYS B 140 4.08 -7.62 -30.85
N GLY B 141 5.31 -7.11 -30.77
CA GLY B 141 6.47 -7.86 -30.33
C GLY B 141 6.38 -8.31 -28.89
N ILE B 142 5.85 -7.42 -28.03
CA ILE B 142 5.65 -7.70 -26.60
C ILE B 142 4.56 -8.78 -26.44
N VAL B 143 3.45 -8.65 -27.19
CA VAL B 143 2.30 -9.56 -27.20
C VAL B 143 2.75 -10.97 -27.63
N ASP B 144 3.58 -11.02 -28.68
CA ASP B 144 4.13 -12.26 -29.22
C ASP B 144 5.04 -12.97 -28.19
N GLN B 145 5.87 -12.19 -27.44
CA GLN B 145 6.75 -12.73 -26.41
C GLN B 145 5.96 -13.33 -25.24
N SER B 146 4.82 -12.71 -24.85
CA SER B 146 3.91 -13.21 -23.81
C SER B 146 3.22 -14.48 -24.32
N GLN B 147 2.71 -14.45 -25.57
CA GLN B 147 2.02 -15.59 -26.17
C GLN B 147 2.94 -16.82 -26.29
N GLN B 148 4.21 -16.62 -26.72
CA GLN B 148 5.19 -17.72 -26.90
C GLN B 148 5.57 -18.34 -25.56
N ALA B 149 5.76 -17.53 -24.49
CA ALA B 149 6.10 -18.04 -23.16
C ALA B 149 4.96 -18.91 -22.63
N TYR B 150 3.71 -18.39 -22.69
CA TYR B 150 2.49 -19.08 -22.24
C TYR B 150 2.26 -20.40 -23.01
N GLN B 151 2.42 -20.39 -24.34
CA GLN B 151 2.21 -21.58 -25.20
C GLN B 151 3.16 -22.73 -24.81
N GLU B 152 4.47 -22.42 -24.61
CA GLU B 152 5.49 -23.39 -24.24
C GLU B 152 5.18 -23.99 -22.87
N ALA B 153 4.83 -23.12 -21.91
CA ALA B 153 4.46 -23.54 -20.56
C ALA B 153 3.21 -24.43 -20.59
N PHE B 154 2.22 -24.06 -21.45
CA PHE B 154 0.96 -24.79 -21.60
C PHE B 154 1.20 -26.22 -22.10
N GLU B 155 2.02 -26.35 -23.16
CA GLU B 155 2.39 -27.64 -23.77
C GLU B 155 3.06 -28.58 -22.73
N ILE B 156 4.04 -28.06 -21.97
CA ILE B 156 4.77 -28.81 -20.94
C ILE B 156 3.81 -29.22 -19.79
N SER B 157 2.89 -28.33 -19.36
CA SER B 157 1.97 -28.61 -18.25
C SER B 157 0.97 -29.74 -18.61
N LYS B 158 0.37 -29.69 -19.83
CA LYS B 158 -0.57 -30.70 -20.33
C LYS B 158 0.10 -32.09 -20.46
N LYS B 159 1.41 -32.12 -20.71
CA LYS B 159 2.19 -33.34 -20.86
C LYS B 159 2.74 -33.90 -19.52
N GLU B 160 3.31 -33.03 -18.66
CA GLU B 160 3.98 -33.42 -17.42
C GLU B 160 3.16 -33.29 -16.11
N MET B 161 2.11 -32.47 -16.06
CA MET B 161 1.36 -32.26 -14.80
C MET B 161 -0.07 -32.79 -14.83
N GLN B 162 -0.60 -33.16 -13.64
CA GLN B 162 -1.99 -33.60 -13.43
C GLN B 162 -2.91 -32.37 -13.68
N PRO B 163 -4.14 -32.57 -14.25
CA PRO B 163 -5.00 -31.42 -14.56
C PRO B 163 -5.44 -30.59 -13.35
N THR B 164 -5.20 -31.09 -12.12
CA THR B 164 -5.54 -30.37 -10.88
C THR B 164 -4.33 -29.63 -10.28
N HIS B 165 -3.10 -29.87 -10.81
CA HIS B 165 -1.91 -29.18 -10.30
C HIS B 165 -2.13 -27.66 -10.34
N PRO B 166 -1.88 -26.92 -9.22
CA PRO B 166 -2.14 -25.47 -9.23
C PRO B 166 -1.36 -24.70 -10.27
N ILE B 167 -0.13 -25.14 -10.61
CA ILE B 167 0.70 -24.42 -11.57
C ILE B 167 0.08 -24.57 -12.98
N ARG B 168 -0.45 -25.76 -13.29
CA ARG B 168 -1.11 -26.02 -14.56
C ARG B 168 -2.43 -25.24 -14.67
N LEU B 169 -3.20 -25.20 -13.57
CA LEU B 169 -4.46 -24.47 -13.52
C LEU B 169 -4.22 -22.95 -13.62
N GLY B 170 -3.27 -22.44 -12.83
CA GLY B 170 -2.92 -21.02 -12.80
C GLY B 170 -2.46 -20.50 -14.14
N LEU B 171 -1.66 -21.32 -14.85
CA LEU B 171 -1.17 -20.97 -16.18
C LEU B 171 -2.33 -20.90 -17.17
N ALA B 172 -3.25 -21.87 -17.09
CA ALA B 172 -4.44 -21.90 -17.97
C ALA B 172 -5.28 -20.64 -17.69
N LEU B 173 -5.39 -20.23 -16.40
CA LEU B 173 -6.11 -19.01 -16.02
C LEU B 173 -5.49 -17.74 -16.63
N ASN B 174 -4.16 -17.61 -16.52
CA ASN B 174 -3.47 -16.41 -16.99
C ASN B 174 -3.34 -16.41 -18.52
N PHE B 175 -3.19 -17.58 -19.18
CA PHE B 175 -3.14 -17.62 -20.64
C PHE B 175 -4.51 -17.18 -21.16
N SER B 176 -5.59 -17.68 -20.50
CA SER B 176 -6.99 -17.36 -20.75
C SER B 176 -7.22 -15.84 -20.62
N VAL B 177 -6.68 -15.21 -19.57
CA VAL B 177 -6.78 -13.75 -19.35
C VAL B 177 -6.07 -13.01 -20.48
N PHE B 178 -4.90 -13.54 -20.90
CA PHE B 178 -4.13 -12.99 -21.99
C PHE B 178 -4.96 -12.96 -23.28
N TYR B 179 -5.63 -14.08 -23.62
CA TYR B 179 -6.45 -14.15 -24.82
C TYR B 179 -7.57 -13.12 -24.77
N TYR B 180 -8.25 -13.00 -23.63
CA TYR B 180 -9.35 -12.05 -23.48
C TYR B 180 -8.90 -10.59 -23.47
N GLU B 181 -7.98 -10.23 -22.56
CA GLU B 181 -7.54 -8.85 -22.36
C GLU B 181 -6.59 -8.33 -23.40
N ILE B 182 -5.59 -9.14 -23.81
CA ILE B 182 -4.54 -8.65 -24.70
C ILE B 182 -4.87 -8.91 -26.18
N LEU B 183 -5.35 -10.12 -26.53
CA LEU B 183 -5.65 -10.44 -27.91
C LEU B 183 -7.09 -10.11 -28.34
N ASN B 184 -8.02 -9.91 -27.39
CA ASN B 184 -9.46 -9.67 -27.62
C ASN B 184 -10.06 -10.85 -28.39
N SER B 185 -9.83 -12.06 -27.84
CA SER B 185 -10.34 -13.34 -28.35
C SER B 185 -11.16 -13.94 -27.22
N PRO B 186 -12.39 -13.43 -26.96
CA PRO B 186 -13.17 -13.94 -25.82
C PRO B 186 -13.50 -15.40 -25.94
N GLU B 187 -13.85 -15.88 -27.16
CA GLU B 187 -14.19 -17.28 -27.36
C GLU B 187 -13.01 -18.20 -27.06
N LYS B 188 -11.78 -17.85 -27.57
CA LYS B 188 -10.52 -18.59 -27.35
C LYS B 188 -10.15 -18.58 -25.86
N ALA B 189 -10.53 -17.51 -25.15
CA ALA B 189 -10.28 -17.37 -23.72
C ALA B 189 -11.23 -18.29 -22.94
N CYS B 190 -12.54 -18.25 -23.27
CA CYS B 190 -13.60 -19.05 -22.65
C CYS B 190 -13.36 -20.55 -22.81
N SER B 191 -12.90 -20.96 -24.02
N SER B 191 -12.91 -20.96 -24.02
CA SER B 191 -12.61 -22.35 -24.42
CA SER B 191 -12.63 -22.35 -24.39
C SER B 191 -11.47 -22.92 -23.60
C SER B 191 -11.46 -22.93 -23.61
N LEU B 192 -10.44 -22.10 -23.33
CA LEU B 192 -9.25 -22.48 -22.55
C LEU B 192 -9.61 -22.64 -21.08
N ALA B 193 -10.35 -21.68 -20.51
CA ALA B 193 -10.79 -21.71 -19.10
C ALA B 193 -11.76 -22.87 -18.83
N LYS B 194 -12.73 -23.09 -19.74
CA LYS B 194 -13.73 -24.16 -19.58
C LYS B 194 -13.10 -25.56 -19.56
N THR B 195 -12.16 -25.84 -20.51
CA THR B 195 -11.53 -27.16 -20.60
C THR B 195 -10.65 -27.37 -19.37
N ALA B 196 -9.92 -26.33 -18.95
CA ALA B 196 -9.07 -26.37 -17.76
C ALA B 196 -9.91 -26.76 -16.53
N PHE B 197 -11.09 -26.13 -16.38
CA PHE B 197 -12.03 -26.35 -15.27
C PHE B 197 -12.60 -27.76 -15.31
N ASP B 198 -13.16 -28.17 -16.46
CA ASP B 198 -13.80 -29.48 -16.64
C ASP B 198 -12.81 -30.64 -16.45
N GLU B 199 -11.57 -30.51 -16.97
CA GLU B 199 -10.52 -31.52 -16.82
C GLU B 199 -10.16 -31.74 -15.35
N ALA B 200 -10.11 -30.64 -14.58
CA ALA B 200 -9.81 -30.63 -13.15
C ALA B 200 -10.96 -31.24 -12.32
N ILE B 201 -12.22 -30.91 -12.66
CA ILE B 201 -13.44 -31.47 -12.04
C ILE B 201 -13.49 -33.01 -12.23
N ALA B 202 -13.09 -33.49 -13.42
CA ALA B 202 -13.10 -34.91 -13.77
C ALA B 202 -12.02 -35.73 -13.03
N GLU B 203 -10.95 -35.09 -12.53
CA GLU B 203 -9.86 -35.82 -11.85
C GLU B 203 -9.53 -35.23 -10.46
N LEU B 204 -10.57 -34.92 -9.64
CA LEU B 204 -10.39 -34.31 -8.31
C LEU B 204 -9.69 -35.24 -7.30
N ASP B 205 -9.63 -36.55 -7.60
CA ASP B 205 -8.92 -37.55 -6.80
C ASP B 205 -7.39 -37.32 -6.79
N THR B 206 -6.88 -36.54 -7.77
CA THR B 206 -5.45 -36.23 -7.94
C THR B 206 -5.04 -35.02 -7.08
N LEU B 207 -5.95 -34.51 -6.21
CA LEU B 207 -5.66 -33.35 -5.34
C LEU B 207 -4.81 -33.72 -4.14
N SER B 208 -3.67 -33.05 -4.02
CA SER B 208 -2.71 -33.21 -2.95
C SER B 208 -3.17 -32.33 -1.78
N GLU B 209 -3.01 -32.79 -0.53
CA GLU B 209 -3.36 -32.04 0.68
C GLU B 209 -2.55 -30.73 0.77
N GLU B 210 -1.31 -30.74 0.26
CA GLU B 210 -0.41 -29.58 0.27
C GLU B 210 -0.75 -28.55 -0.83
N SER B 211 -1.64 -28.88 -1.79
CA SER B 211 -1.93 -27.96 -2.89
C SER B 211 -3.43 -27.82 -3.27
N TYR B 212 -4.36 -28.58 -2.61
CA TYR B 212 -5.79 -28.57 -2.94
C TYR B 212 -6.44 -27.17 -2.80
N LYS B 213 -5.98 -26.33 -1.83
CA LYS B 213 -6.54 -24.99 -1.60
C LYS B 213 -6.28 -24.07 -2.79
N ASP B 214 -5.05 -24.08 -3.33
CA ASP B 214 -4.70 -23.27 -4.50
C ASP B 214 -5.42 -23.79 -5.75
N SER B 215 -5.50 -25.12 -5.91
CA SER B 215 -6.16 -25.79 -7.01
C SER B 215 -7.63 -25.40 -7.12
N THR B 216 -8.39 -25.57 -6.02
CA THR B 216 -9.83 -25.27 -5.94
C THR B 216 -10.09 -23.77 -6.08
N LEU B 217 -9.14 -22.92 -5.60
CA LEU B 217 -9.25 -21.47 -5.74
C LEU B 217 -9.17 -21.06 -7.21
N ILE B 218 -8.16 -21.58 -7.95
CA ILE B 218 -7.95 -21.28 -9.36
C ILE B 218 -9.14 -21.77 -10.19
N MET B 219 -9.73 -22.96 -9.87
CA MET B 219 -10.90 -23.48 -10.59
C MET B 219 -12.07 -22.50 -10.47
N GLN B 220 -12.29 -21.95 -9.25
CA GLN B 220 -13.31 -20.94 -8.97
C GLN B 220 -13.08 -19.67 -9.80
N LEU B 221 -11.80 -19.25 -9.94
CA LEU B 221 -11.39 -18.11 -10.73
C LEU B 221 -11.60 -18.36 -12.22
N LEU B 222 -11.28 -19.59 -12.69
CA LEU B 222 -11.49 -20.01 -14.08
C LEU B 222 -12.97 -19.91 -14.42
N ARG B 223 -13.86 -20.36 -13.52
CA ARG B 223 -15.30 -20.36 -13.76
C ARG B 223 -15.86 -18.92 -13.71
N ASP B 224 -15.31 -18.07 -12.83
CA ASP B 224 -15.71 -16.67 -12.68
C ASP B 224 -15.45 -15.90 -13.98
N ASN B 225 -14.25 -16.10 -14.56
CA ASN B 225 -13.86 -15.49 -15.81
C ASN B 225 -14.74 -16.00 -16.98
N LEU B 226 -15.03 -17.32 -17.02
CA LEU B 226 -15.91 -17.93 -18.03
C LEU B 226 -17.30 -17.30 -17.95
N THR B 227 -17.86 -17.15 -16.72
CA THR B 227 -19.17 -16.56 -16.45
C THR B 227 -19.19 -15.05 -16.74
N LEU B 228 -18.10 -14.32 -16.47
CA LEU B 228 -18.06 -12.89 -16.74
C LEU B 228 -17.88 -12.60 -18.23
N TRP B 229 -17.02 -13.36 -18.92
CA TRP B 229 -16.80 -13.16 -20.36
C TRP B 229 -18.01 -13.65 -21.21
N THR B 230 -18.97 -14.39 -20.61
CA THR B 230 -20.18 -14.89 -21.26
C THR B 230 -21.39 -13.99 -20.90
N SER C 9 -5.10 1.85 19.89
CA SER C 9 -6.30 2.70 20.05
C SER C 9 -6.44 3.62 18.82
N PRO C 10 -7.58 3.56 18.10
CA PRO C 10 -7.74 4.41 16.90
C PRO C 10 -7.74 5.91 17.20
N SEP C 11 -7.07 6.67 16.33
CA SEP C 11 -6.95 8.13 16.34
CB SEP C 11 -5.42 8.38 16.32
OG SEP C 11 -4.83 7.72 15.11
C SEP C 11 -7.64 8.67 15.08
O SEP C 11 -8.19 7.88 14.30
P SEP C 11 -3.33 7.89 15.04
O1P SEP C 11 -2.62 7.17 16.19
O2P SEP C 11 -2.84 9.34 15.01
O3P SEP C 11 -2.94 7.22 13.73
N PHE C 12 -7.64 9.99 14.86
CA PHE C 12 -8.24 10.65 13.68
C PHE C 12 -7.36 11.81 13.23
N PRO C 13 -7.00 12.00 11.92
CA PRO C 13 -7.51 11.13 10.84
C PRO C 13 -6.95 9.72 10.80
N NH2 C 14 -7.56 8.84 10.00
N ARG D 8 -10.38 -5.40 -13.69
CA ARG D 8 -10.08 -6.25 -14.85
C ARG D 8 -10.23 -7.74 -14.49
N SER D 9 -9.95 -8.65 -15.45
CA SER D 9 -10.10 -10.10 -15.27
C SER D 9 -9.05 -10.68 -14.29
N PRO D 10 -9.50 -11.29 -13.16
CA PRO D 10 -8.54 -11.82 -12.19
C PRO D 10 -7.66 -12.94 -12.72
N SEP D 11 -6.38 -12.90 -12.31
CA SEP D 11 -5.32 -13.87 -12.62
CB SEP D 11 -4.19 -13.00 -13.23
OG SEP D 11 -3.80 -11.93 -12.27
C SEP D 11 -4.86 -14.52 -11.31
O SEP D 11 -5.41 -14.20 -10.26
P SEP D 11 -2.73 -11.00 -12.82
O1P SEP D 11 -1.46 -11.71 -13.24
O2P SEP D 11 -2.56 -9.99 -11.68
O3P SEP D 11 -3.21 -10.23 -14.03
N PHE D 12 -3.89 -15.44 -11.35
CA PHE D 12 -3.35 -16.13 -10.16
C PHE D 12 -1.85 -16.34 -10.31
N PRO D 13 -0.96 -16.06 -9.30
CA PRO D 13 -1.41 -15.55 -7.99
C PRO D 13 -1.93 -14.13 -7.98
N NH2 D 14 -2.58 -13.69 -6.90
C1 EDO E . -20.21 0.71 19.81
O1 EDO E . -20.41 -0.56 20.41
C2 EDO E . -19.81 1.69 20.93
O2 EDO E . -18.54 1.35 21.44
C1 EDO F . 3.54 5.23 -1.35
O1 EDO F . 2.09 5.05 -1.33
C2 EDO F . 4.07 5.37 -2.79
O2 EDO F . 4.14 6.74 -3.15
UNK UNX G . -19.89 9.97 30.52
UNK UNX H . -5.96 7.63 34.57
UNK UNX I . 9.07 -0.92 0.57
UNK UNX J . -16.05 -25.32 -8.08
UNK UNX K . -16.27 -19.11 -1.63
UNK UNX L . -4.11 -8.66 -18.11
UNK UNX M . -1.27 1.23 -5.82
UNK UNX N . -9.08 -5.32 -11.06
#